data_4QYB
#
_entry.id   4QYB
#
_cell.length_a   64.945
_cell.length_b   85.634
_cell.length_c   93.669
_cell.angle_alpha   90.00
_cell.angle_beta   90.00
_cell.angle_gamma   90.00
#
_symmetry.space_group_name_H-M   'I 2 2 2'
#
loop_
_entity.id
_entity.type
_entity.pdbx_description
1 polymer 'Uncharacterized protein'
2 water water
#
_entity_poly.entity_id   1
_entity_poly.type   'polypeptide(L)'
_entity_poly.pdbx_seq_one_letter_code
;(MSE)HHHHHH(MSE)QVQDLTGAALDYWVATAEGHEVPRADASGCTSIREPGGVPTPFAPSSSWADGGPIVERLPFAGF
ERDGGRGAWRAVLHRAVPAAGERCTFNQSGPTLLIAA(MSE)RTLVASTFGDDVPDL
;
_entity_poly.pdbx_strand_id   A,B
#
# COMPACT_ATOMS: atom_id res chain seq x y z
N HIS A 6 16.96 -24.57 9.70
CA HIS A 6 18.32 -23.98 9.59
C HIS A 6 18.24 -22.44 9.66
N HIS A 7 17.48 -21.84 8.75
CA HIS A 7 17.22 -20.39 8.75
C HIS A 7 15.98 -20.07 9.59
N GLN A 9 12.46 -17.60 10.08
CA GLN A 9 11.47 -16.73 9.46
C GLN A 9 11.42 -15.38 10.19
N VAL A 10 11.57 -14.29 9.45
CA VAL A 10 11.54 -12.96 10.05
C VAL A 10 10.27 -12.70 10.81
N GLN A 11 9.17 -13.28 10.36
CA GLN A 11 7.90 -13.07 11.05
C GLN A 11 7.86 -13.67 12.46
N ASP A 12 8.75 -14.59 12.73
CA ASP A 12 8.80 -15.26 14.02
C ASP A 12 9.86 -14.65 14.90
N LEU A 13 10.60 -13.68 14.37
CA LEU A 13 11.65 -13.08 15.14
C LEU A 13 11.13 -12.39 16.40
N THR A 14 11.90 -12.57 17.47
CA THR A 14 11.56 -12.00 18.74
C THR A 14 12.83 -11.73 19.55
N GLY A 15 12.67 -10.89 20.56
CA GLY A 15 13.71 -10.63 21.55
C GLY A 15 15.01 -10.13 21.01
N ALA A 16 16.10 -10.63 21.60
CA ALA A 16 17.44 -10.20 21.27
C ALA A 16 17.72 -10.39 19.78
N ALA A 17 17.26 -11.52 19.22
CA ALA A 17 17.50 -11.83 17.82
C ALA A 17 16.84 -10.78 16.93
N LEU A 18 15.62 -10.41 17.27
CA LEU A 18 14.93 -9.39 16.47
C LEU A 18 15.70 -8.06 16.61
N ASP A 19 16.10 -7.74 17.84
CA ASP A 19 16.84 -6.50 18.10
C ASP A 19 18.14 -6.43 17.30
N TYR A 20 18.83 -7.57 17.24
CA TYR A 20 20.04 -7.75 16.42
C TYR A 20 19.85 -7.46 14.91
N TRP A 21 18.79 -8.02 14.34
CA TRP A 21 18.57 -7.80 12.91
C TRP A 21 18.24 -6.34 12.60
N VAL A 22 17.55 -5.69 13.54
CA VAL A 22 17.21 -4.28 13.44
C VAL A 22 18.51 -3.44 13.53
N ALA A 23 19.37 -3.78 14.47
CA ALA A 23 20.66 -3.11 14.60
C ALA A 23 21.41 -3.21 13.28
N THR A 24 21.38 -4.41 12.72
CA THR A 24 22.11 -4.68 11.51
C THR A 24 21.49 -3.89 10.35
N ALA A 25 20.17 -3.95 10.25
CA ALA A 25 19.47 -3.21 9.21
C ALA A 25 19.78 -1.72 9.38
N GLU A 26 19.85 -1.26 10.63
CA GLU A 26 20.12 0.13 10.93
C GLU A 26 21.57 0.53 10.72
N GLY A 27 22.46 -0.43 10.51
CA GLY A 27 23.86 -0.11 10.27
C GLY A 27 24.68 0.12 11.54
N HIS A 28 24.26 -0.49 12.64
CA HIS A 28 25.01 -0.42 13.94
C HIS A 28 26.29 -1.27 13.85
N GLU A 29 27.24 -1.05 14.77
CA GLU A 29 28.49 -1.82 14.80
C GLU A 29 28.45 -3.01 15.77
N VAL A 30 29.20 -4.06 15.48
CA VAL A 30 29.25 -5.31 16.28
C VAL A 30 27.95 -5.62 17.02
N PRO A 31 26.85 -5.70 16.28
CA PRO A 31 25.67 -6.15 17.00
C PRO A 31 25.88 -7.53 17.60
N ARG A 32 25.31 -7.79 18.77
CA ARG A 32 25.34 -9.16 19.27
C ARG A 32 24.04 -9.50 19.99
N ALA A 33 23.82 -10.78 20.23
CA ALA A 33 22.55 -11.20 20.78
C ALA A 33 22.69 -12.25 21.84
N ASP A 34 23.16 -11.84 23.01
CA ASP A 34 23.24 -12.75 24.16
C ASP A 34 21.83 -12.98 24.68
N ALA A 35 21.69 -13.97 25.54
CA ALA A 35 20.39 -14.23 26.18
C ALA A 35 20.05 -12.99 27.01
N SER A 36 21.09 -12.35 27.54
CA SER A 36 20.94 -11.12 28.33
C SER A 36 20.33 -9.97 27.49
N GLY A 37 20.53 -10.02 26.18
CA GLY A 37 19.96 -9.02 25.29
C GLY A 37 20.94 -8.51 24.25
N CYS A 38 20.39 -7.80 23.26
CA CYS A 38 21.18 -7.23 22.18
C CYS A 38 21.96 -6.01 22.61
N THR A 39 23.16 -5.90 22.07
CA THR A 39 24.01 -4.77 22.32
C THR A 39 24.63 -4.36 20.99
N SER A 40 24.92 -3.07 20.84
CA SER A 40 25.56 -2.56 19.62
C SER A 40 26.19 -1.20 19.86
N ILE A 41 26.86 -0.66 18.85
CA ILE A 41 27.40 0.70 18.87
C ILE A 41 26.62 1.49 17.80
N ARG A 42 25.89 2.50 18.24
CA ARG A 42 25.02 3.28 17.35
C ARG A 42 25.68 4.59 16.92
N GLU A 43 26.92 4.84 17.31
CA GLU A 43 27.55 6.13 17.06
C GLU A 43 28.90 5.99 16.40
N PRO A 44 29.44 7.09 15.84
CA PRO A 44 30.75 6.94 15.18
C PRO A 44 31.76 6.44 16.18
N GLY A 45 31.92 7.17 17.27
CA GLY A 45 32.80 6.77 18.35
C GLY A 45 31.85 6.49 19.47
N GLY A 46 31.49 5.22 19.61
CA GLY A 46 30.58 4.82 20.67
C GLY A 46 31.01 3.56 21.41
N VAL A 47 30.36 3.34 22.53
CA VAL A 47 30.61 2.17 23.36
C VAL A 47 29.45 1.21 23.06
N PRO A 48 29.68 -0.11 23.24
CA PRO A 48 28.58 -1.05 23.12
C PRO A 48 27.53 -0.84 24.22
N THR A 49 26.28 -0.66 23.83
CA THR A 49 25.20 -0.38 24.76
C THR A 49 23.95 -1.17 24.39
N PRO A 50 23.07 -1.44 25.37
CA PRO A 50 21.87 -2.23 25.10
C PRO A 50 21.08 -1.56 24.00
N PHE A 51 20.39 -2.38 23.20
CA PHE A 51 19.56 -1.89 22.12
C PHE A 51 18.39 -2.85 21.98
N ALA A 52 17.20 -2.42 22.42
CA ALA A 52 16.00 -3.28 22.47
C ALA A 52 14.82 -2.56 21.88
N PRO A 53 14.91 -2.20 20.60
CA PRO A 53 13.78 -1.54 19.90
C PRO A 53 12.45 -2.32 19.82
N SER A 54 12.50 -3.64 19.93
CA SER A 54 11.30 -4.49 19.90
C SER A 54 10.55 -4.55 21.22
N SER A 55 11.19 -4.09 22.29
CA SER A 55 10.58 -4.04 23.63
C SER A 55 10.77 -2.69 24.37
N SER A 56 11.89 -1.99 24.19
CA SER A 56 12.04 -0.72 24.86
C SER A 56 11.47 0.39 24.04
N TRP A 57 10.48 1.11 24.56
CA TRP A 57 9.84 2.21 23.83
C TRP A 57 10.84 3.32 23.50
N ALA A 58 11.74 3.56 24.43
CA ALA A 58 12.74 4.57 24.25
C ALA A 58 13.58 4.28 23.04
N ASP A 59 13.91 3.01 22.80
CA ASP A 59 14.71 2.65 21.63
C ASP A 59 13.91 2.50 20.35
N GLY A 60 12.76 1.84 20.46
CA GLY A 60 11.88 1.55 19.29
C GLY A 60 11.02 2.69 18.80
N GLY A 61 10.47 3.45 19.72
CA GLY A 61 9.68 4.60 19.38
C GLY A 61 10.23 5.56 18.32
N PRO A 62 11.48 5.98 18.49
CA PRO A 62 12.05 6.95 17.55
C PRO A 62 12.23 6.40 16.16
N ILE A 63 12.41 5.10 16.09
CA ILE A 63 12.59 4.41 14.84
C ILE A 63 11.26 4.42 14.10
N VAL A 64 10.19 4.16 14.84
CA VAL A 64 8.81 4.19 14.29
C VAL A 64 8.49 5.57 13.70
N GLU A 65 8.92 6.60 14.41
CA GLU A 65 8.64 7.95 13.97
C GLU A 65 9.53 8.35 12.78
N ARG A 66 10.80 7.94 12.83
CA ARG A 66 11.80 8.26 11.80
C ARG A 66 11.65 7.51 10.47
N LEU A 67 11.39 6.21 10.54
CA LEU A 67 11.18 5.40 9.34
C LEU A 67 9.80 5.63 8.78
N PRO A 68 9.62 5.41 7.48
CA PRO A 68 8.33 5.70 6.85
C PRO A 68 7.17 4.75 7.13
N PHE A 69 6.94 4.45 8.40
CA PHE A 69 5.78 3.68 8.78
C PHE A 69 4.54 4.47 8.44
N ALA A 70 3.59 3.78 7.78
CA ALA A 70 2.35 4.40 7.32
C ALA A 70 1.15 3.97 8.14
N GLY A 71 1.27 2.90 8.90
CA GLY A 71 0.16 2.53 9.76
C GLY A 71 0.39 1.34 10.66
N PHE A 72 -0.41 1.32 11.71
CA PHE A 72 -0.46 0.28 12.70
C PHE A 72 -1.91 -0.01 12.95
N GLU A 73 -2.32 -1.29 12.98
CA GLU A 73 -3.72 -1.61 13.16
C GLU A 73 -3.91 -2.74 14.15
N ARG A 74 -4.97 -2.65 14.93
CA ARG A 74 -5.29 -3.66 15.93
C ARG A 74 -6.80 -3.79 16.02
N ASP A 75 -7.34 -4.86 15.47
CA ASP A 75 -8.78 -5.11 15.48
C ASP A 75 -9.46 -4.90 16.80
N GLY A 76 -10.41 -3.98 16.83
CA GLY A 76 -11.14 -3.68 18.07
C GLY A 76 -10.26 -3.16 19.21
N GLY A 77 -9.04 -2.74 18.91
CA GLY A 77 -8.13 -2.25 19.97
C GLY A 77 -7.65 -3.31 20.94
N ARG A 78 -7.58 -4.55 20.49
CA ARG A 78 -7.21 -5.72 21.28
C ARG A 78 -6.49 -6.73 20.44
N GLY A 79 -5.51 -7.41 21.04
CA GLY A 79 -4.79 -8.45 20.36
C GLY A 79 -3.65 -8.02 19.47
N ALA A 80 -3.48 -8.72 18.35
CA ALA A 80 -2.32 -8.52 17.51
C ALA A 80 -2.31 -7.22 16.70
N TRP A 81 -1.11 -6.68 16.56
CA TRP A 81 -0.90 -5.51 15.73
C TRP A 81 -0.37 -5.92 14.37
N ARG A 82 -0.77 -5.15 13.37
CA ARG A 82 -0.27 -5.25 11.99
C ARG A 82 0.42 -3.93 11.72
N ALA A 83 1.59 -3.98 11.09
CA ALA A 83 2.41 -2.76 10.83
C ALA A 83 2.57 -2.57 9.34
N VAL A 84 2.56 -1.33 8.89
CA VAL A 84 2.68 -1.06 7.47
C VAL A 84 3.77 -0.03 7.30
N LEU A 85 4.77 -0.38 6.49
CA LEU A 85 5.94 0.42 6.24
C LEU A 85 5.99 0.76 4.77
N HIS A 86 6.11 2.05 4.52
CA HIS A 86 6.10 2.58 3.17
C HIS A 86 7.43 2.45 2.47
N ARG A 87 7.35 2.35 1.15
CA ARG A 87 8.53 2.20 0.30
C ARG A 87 8.72 3.36 -0.69
N GLY A 93 0.15 7.99 -7.52
CA GLY A 93 -1.02 7.12 -7.23
C GLY A 93 -0.80 5.65 -6.84
N GLU A 94 0.45 5.17 -6.92
CA GLU A 94 0.84 3.81 -6.49
C GLU A 94 1.24 3.86 -5.02
N ARG A 95 1.00 2.78 -4.27
CA ARG A 95 1.45 2.71 -2.90
C ARG A 95 1.79 1.27 -2.56
N CYS A 96 3.07 1.07 -2.33
CA CYS A 96 3.66 -0.23 -2.05
C CYS A 96 4.24 -0.23 -0.63
N THR A 97 3.98 -1.33 0.08
CA THR A 97 4.30 -1.45 1.46
C THR A 97 4.86 -2.81 1.89
N PHE A 98 5.49 -2.80 3.05
CA PHE A 98 5.92 -4.00 3.70
C PHE A 98 4.94 -4.13 4.86
N ASN A 99 4.54 -5.36 5.17
CA ASN A 99 3.51 -5.63 6.17
C ASN A 99 3.88 -6.84 7.02
N GLN A 100 3.85 -6.67 8.35
CA GLN A 100 4.18 -7.77 9.25
C GLN A 100 3.34 -7.57 10.52
N SER A 101 3.13 -8.65 11.29
CA SER A 101 2.36 -8.57 12.52
C SER A 101 3.15 -8.99 13.76
N GLY A 102 2.60 -8.67 14.92
CA GLY A 102 3.20 -9.08 16.16
C GLY A 102 2.32 -8.80 17.35
N PRO A 103 2.64 -9.45 18.47
CA PRO A 103 1.78 -9.23 19.63
C PRO A 103 1.76 -7.77 20.17
N THR A 104 2.78 -6.98 19.84
CA THR A 104 2.82 -5.60 20.31
C THR A 104 3.18 -4.74 19.13
N LEU A 105 3.05 -3.44 19.28
CA LEU A 105 3.28 -2.53 18.17
C LEU A 105 4.74 -2.58 17.81
N LEU A 106 5.61 -2.53 18.81
CA LEU A 106 7.05 -2.58 18.54
C LEU A 106 7.50 -3.86 17.84
N ILE A 107 6.96 -4.99 18.25
CA ILE A 107 7.32 -6.22 17.59
C ILE A 107 6.89 -6.19 16.15
N ALA A 108 5.67 -5.76 15.91
CA ALA A 108 5.17 -5.72 14.53
C ALA A 108 6.04 -4.79 13.69
N ALA A 109 6.36 -3.62 14.24
CA ALA A 109 7.12 -2.59 13.51
C ALA A 109 8.49 -3.10 13.13
N ARG A 111 9.68 -6.26 13.07
CA ARG A 111 9.68 -7.36 12.12
C ARG A 111 9.51 -6.80 10.70
N THR A 112 8.68 -5.79 10.56
CA THR A 112 8.41 -5.18 9.24
C THR A 112 9.66 -4.52 8.70
N LEU A 113 10.38 -3.82 9.58
CA LEU A 113 11.65 -3.21 9.24
C LEU A 113 12.66 -4.27 8.77
N VAL A 114 12.82 -5.32 9.57
CA VAL A 114 13.73 -6.40 9.19
C VAL A 114 13.32 -7.05 7.87
N ALA A 115 12.00 -7.27 7.65
CA ALA A 115 11.57 -7.87 6.39
C ALA A 115 11.84 -6.96 5.22
N SER A 116 11.67 -5.65 5.43
CA SER A 116 11.89 -4.73 4.35
C SER A 116 13.34 -4.74 3.89
N THR A 117 14.26 -5.14 4.75
CA THR A 117 15.65 -5.19 4.40
C THR A 117 16.12 -6.58 4.00
N PHE A 118 15.81 -7.61 4.78
CA PHE A 118 16.36 -8.94 4.48
C PHE A 118 15.44 -9.93 3.80
N GLY A 119 14.16 -9.61 3.77
CA GLY A 119 13.19 -10.51 3.19
C GLY A 119 12.49 -11.37 4.24
N ASP A 120 12.20 -12.60 3.87
CA ASP A 120 11.39 -13.46 4.71
C ASP A 120 12.16 -14.22 5.74
N ASP A 121 13.43 -14.50 5.46
CA ASP A 121 14.23 -15.27 6.41
C ASP A 121 15.58 -14.63 6.66
N VAL A 122 16.21 -15.11 7.72
CA VAL A 122 17.51 -14.63 8.12
C VAL A 122 18.23 -15.77 8.80
N PRO A 123 19.56 -15.76 8.73
CA PRO A 123 20.28 -16.86 9.39
C PRO A 123 19.97 -16.92 10.88
N ASP A 124 19.98 -18.13 11.42
CA ASP A 124 19.67 -18.32 12.83
C ASP A 124 20.89 -17.89 13.66
N LEU A 125 20.63 -17.29 14.82
CA LEU A 125 21.72 -16.83 15.70
C LEU A 125 22.16 -17.93 16.68
N HIS B 7 -0.67 17.51 -21.47
CA HIS B 7 -1.24 16.28 -20.81
C HIS B 7 -2.23 16.63 -19.69
N GLN B 9 -3.74 15.37 -15.88
CA GLN B 9 -3.56 14.57 -14.70
C GLN B 9 -4.76 13.64 -14.52
N VAL B 10 -4.48 12.35 -14.35
CA VAL B 10 -5.56 11.37 -14.19
C VAL B 10 -6.48 11.71 -13.03
N GLN B 11 -5.94 12.35 -12.00
CA GLN B 11 -6.74 12.71 -10.84
C GLN B 11 -7.79 13.76 -11.13
N ASP B 12 -7.61 14.51 -12.22
CA ASP B 12 -8.54 15.53 -12.62
C ASP B 12 -9.50 15.03 -13.70
N LEU B 13 -9.33 13.80 -14.16
CA LEU B 13 -10.21 13.29 -15.21
C LEU B 13 -11.65 13.23 -14.77
N THR B 14 -12.52 13.61 -15.71
CA THR B 14 -13.92 13.59 -15.47
C THR B 14 -14.69 13.36 -16.78
N GLY B 15 -15.95 12.99 -16.62
CA GLY B 15 -16.89 12.90 -17.73
C GLY B 15 -16.50 11.96 -18.84
N ALA B 16 -16.79 12.39 -20.07
CA ALA B 16 -16.55 11.57 -21.25
C ALA B 16 -15.09 11.15 -21.36
N ALA B 17 -14.19 12.07 -21.02
CA ALA B 17 -12.76 11.78 -21.08
C ALA B 17 -12.41 10.66 -20.11
N LEU B 18 -12.94 10.73 -18.90
CA LEU B 18 -12.64 9.68 -17.93
C LEU B 18 -13.21 8.37 -18.45
N ASP B 19 -14.44 8.42 -18.96
CA ASP B 19 -15.10 7.23 -19.53
C ASP B 19 -14.28 6.61 -20.65
N TYR B 20 -13.74 7.45 -21.51
CA TYR B 20 -12.86 7.06 -22.62
C TYR B 20 -11.62 6.31 -22.14
N TRP B 21 -10.96 6.85 -21.12
CA TRP B 21 -9.73 6.17 -20.61
C TRP B 21 -10.00 4.82 -19.97
N VAL B 22 -11.15 4.72 -19.32
CA VAL B 22 -11.64 3.45 -18.77
C VAL B 22 -11.92 2.46 -19.89
N ALA B 23 -12.62 2.92 -20.93
CA ALA B 23 -12.91 2.04 -22.07
C ALA B 23 -11.62 1.49 -22.66
N THR B 24 -10.66 2.41 -22.80
CA THR B 24 -9.40 2.05 -23.38
C THR B 24 -8.70 1.04 -22.46
N ALA B 25 -8.67 1.35 -21.16
CA ALA B 25 -8.05 0.47 -20.19
C ALA B 25 -8.73 -0.88 -20.22
N GLU B 26 -10.05 -0.87 -20.38
CA GLU B 26 -10.81 -2.11 -20.37
C GLU B 26 -10.66 -2.89 -21.65
N GLY B 27 -10.07 -2.28 -22.68
CA GLY B 27 -9.89 -2.98 -23.95
C GLY B 27 -11.08 -2.95 -24.87
N HIS B 28 -11.90 -1.91 -24.76
CA HIS B 28 -13.04 -1.66 -25.69
C HIS B 28 -12.55 -1.20 -27.09
N GLU B 29 -13.44 -1.24 -28.10
CA GLU B 29 -13.08 -0.79 -29.47
C GLU B 29 -13.54 0.64 -29.80
N VAL B 30 -12.81 1.30 -30.70
CA VAL B 30 -13.08 2.72 -31.10
C VAL B 30 -13.69 3.59 -30.02
N PRO B 31 -13.02 3.68 -28.86
CA PRO B 31 -13.62 4.57 -27.88
C PRO B 31 -13.64 6.01 -28.43
N ARG B 32 -14.70 6.76 -28.13
CA ARG B 32 -14.80 8.15 -28.55
C ARG B 32 -15.29 9.00 -27.41
N ALA B 33 -15.00 10.29 -27.44
CA ALA B 33 -15.39 11.15 -26.34
C ALA B 33 -15.95 12.44 -26.83
N ASP B 34 -17.15 12.34 -27.43
CA ASP B 34 -17.84 13.53 -27.89
C ASP B 34 -18.31 14.28 -26.66
N ALA B 35 -18.71 15.52 -26.87
CA ALA B 35 -19.29 16.33 -25.81
C ALA B 35 -20.57 15.61 -25.36
N SER B 36 -21.24 14.94 -26.31
CA SER B 36 -22.44 14.15 -26.02
C SER B 36 -22.17 13.01 -25.04
N GLY B 37 -20.95 12.49 -25.04
CA GLY B 37 -20.55 11.41 -24.13
C GLY B 37 -19.75 10.33 -24.82
N CYS B 38 -19.14 9.48 -24.00
CA CYS B 38 -18.29 8.38 -24.51
C CYS B 38 -19.09 7.25 -25.09
N THR B 39 -18.55 6.68 -26.15
CA THR B 39 -19.15 5.55 -26.82
C THR B 39 -18.06 4.55 -27.11
N SER B 40 -18.40 3.26 -27.10
CA SER B 40 -17.45 2.21 -27.45
C SER B 40 -18.15 0.90 -27.83
N ILE B 41 -17.38 -0.11 -28.22
CA ILE B 41 -17.88 -1.46 -28.50
C ILE B 41 -17.24 -2.34 -27.45
N ARG B 42 -18.09 -2.95 -26.62
CA ARG B 42 -17.61 -3.76 -25.50
C ARG B 42 -17.64 -5.25 -25.80
N GLU B 43 -17.98 -5.63 -27.02
CA GLU B 43 -18.15 -7.04 -27.33
C GLU B 43 -17.42 -7.43 -28.60
N PRO B 44 -17.33 -8.76 -28.86
CA PRO B 44 -16.82 -9.19 -30.16
C PRO B 44 -17.81 -8.71 -31.24
N GLY B 45 -17.30 -7.90 -32.18
CA GLY B 45 -18.10 -7.34 -33.27
C GLY B 45 -19.39 -6.62 -32.89
N GLY B 46 -19.46 -6.11 -31.65
CA GLY B 46 -20.67 -5.40 -31.15
C GLY B 46 -20.96 -4.10 -31.87
N VAL B 47 -21.98 -3.38 -31.38
CA VAL B 47 -22.35 -2.10 -31.95
C VAL B 47 -21.82 -1.04 -31.00
N PRO B 48 -21.51 0.18 -31.52
CA PRO B 48 -21.10 1.27 -30.65
C PRO B 48 -22.27 1.73 -29.77
N THR B 49 -22.02 1.77 -28.46
CA THR B 49 -23.06 2.13 -27.52
C THR B 49 -22.49 3.06 -26.45
N PRO B 50 -23.34 3.89 -25.84
CA PRO B 50 -22.89 4.75 -24.75
C PRO B 50 -22.20 3.94 -23.64
N PHE B 51 -21.18 4.52 -23.02
CA PHE B 51 -20.43 3.87 -21.95
C PHE B 51 -20.02 4.97 -20.98
N ALA B 52 -20.67 4.99 -19.82
CA ALA B 52 -20.45 6.05 -18.82
C ALA B 52 -20.27 5.47 -17.44
N PRO B 53 -19.19 4.69 -17.24
CA PRO B 53 -18.92 4.06 -15.95
C PRO B 53 -18.63 5.02 -14.79
N SER B 54 -18.24 6.26 -15.10
CA SER B 54 -17.94 7.26 -14.08
C SER B 54 -19.20 7.97 -13.58
N SER B 55 -20.31 7.78 -14.30
CA SER B 55 -21.58 8.39 -13.93
C SER B 55 -22.78 7.46 -13.96
N SER B 56 -22.81 6.49 -14.86
CA SER B 56 -23.91 5.55 -14.87
C SER B 56 -23.62 4.36 -13.98
N TRP B 57 -24.43 4.16 -12.95
CA TRP B 57 -24.23 3.02 -12.04
C TRP B 57 -24.30 1.66 -12.76
N ALA B 58 -25.21 1.59 -13.73
CA ALA B 58 -25.36 0.38 -14.48
C ALA B 58 -24.06 0.01 -15.17
N ASP B 59 -23.31 1.00 -15.66
CA ASP B 59 -22.03 0.71 -16.32
C ASP B 59 -20.87 0.57 -15.38
N GLY B 60 -20.80 1.45 -14.40
CA GLY B 60 -19.68 1.47 -13.43
C GLY B 60 -19.74 0.43 -12.32
N GLY B 61 -20.93 0.18 -11.82
CA GLY B 61 -21.11 -0.78 -10.74
C GLY B 61 -20.47 -2.14 -10.92
N PRO B 62 -20.69 -2.76 -12.07
CA PRO B 62 -20.16 -4.09 -12.32
C PRO B 62 -18.64 -4.11 -12.35
N ILE B 63 -18.06 -2.99 -12.77
CA ILE B 63 -16.64 -2.87 -12.88
C ILE B 63 -16.05 -2.85 -11.47
N VAL B 64 -16.70 -2.11 -10.58
CA VAL B 64 -16.30 -2.02 -9.18
C VAL B 64 -16.32 -3.39 -8.50
N GLU B 65 -17.35 -4.15 -8.83
CA GLU B 65 -17.54 -5.45 -8.23
C GLU B 65 -16.52 -6.44 -8.80
N ARG B 66 -16.31 -6.38 -10.11
CA ARG B 66 -15.39 -7.29 -10.81
C ARG B 66 -13.90 -7.03 -10.55
N LEU B 67 -13.48 -5.77 -10.62
CA LEU B 67 -12.07 -5.45 -10.42
C LEU B 67 -11.74 -5.57 -8.95
N PRO B 68 -10.46 -5.84 -8.62
CA PRO B 68 -10.08 -5.99 -7.21
C PRO B 68 -10.03 -4.75 -6.32
N PHE B 69 -11.10 -3.95 -6.32
CA PHE B 69 -11.23 -2.85 -5.39
C PHE B 69 -11.32 -3.33 -3.95
N ALA B 70 -10.51 -2.75 -3.09
CA ALA B 70 -10.44 -3.18 -1.71
C ALA B 70 -11.16 -2.22 -0.78
N GLY B 71 -11.35 -0.99 -1.22
CA GLY B 71 -12.06 -0.08 -0.36
C GLY B 71 -12.44 1.24 -1.01
N PHE B 72 -13.45 1.83 -0.38
CA PHE B 72 -13.96 3.14 -0.67
C PHE B 72 -14.15 3.85 0.68
N GLU B 73 -13.70 5.09 0.80
CA GLU B 73 -13.86 5.79 2.07
C GLU B 73 -14.38 7.20 1.86
N ARG B 74 -15.30 7.62 2.74
CA ARG B 74 -15.85 8.96 2.72
C ARG B 74 -16.02 9.40 4.17
N ASP B 75 -15.11 10.27 4.64
CA ASP B 75 -15.16 10.82 6.01
C ASP B 75 -16.51 11.30 6.43
N GLY B 76 -17.03 10.77 7.52
CA GLY B 76 -18.34 11.23 8.00
C GLY B 76 -19.49 11.06 7.01
N GLY B 77 -19.30 10.22 6.00
CA GLY B 77 -20.36 9.94 5.04
C GLY B 77 -20.73 11.14 4.19
N ARG B 78 -19.78 12.04 3.97
CA ARG B 78 -20.04 13.20 3.14
C ARG B 78 -18.72 13.70 2.56
N GLY B 79 -18.85 14.36 1.41
CA GLY B 79 -17.70 14.91 0.73
C GLY B 79 -17.06 13.89 -0.19
N ALA B 80 -15.76 14.02 -0.32
CA ALA B 80 -15.03 13.22 -1.28
C ALA B 80 -14.83 11.77 -0.90
N TRP B 81 -14.88 10.90 -1.93
CA TRP B 81 -14.56 9.51 -1.80
C TRP B 81 -13.11 9.23 -2.18
N ARG B 82 -12.53 8.23 -1.49
CA ARG B 82 -11.19 7.70 -1.78
C ARG B 82 -11.40 6.25 -2.15
N ALA B 83 -10.73 5.80 -3.20
CA ALA B 83 -10.83 4.43 -3.72
C ALA B 83 -9.50 3.73 -3.62
N VAL B 84 -9.52 2.44 -3.31
CA VAL B 84 -8.30 1.65 -3.22
C VAL B 84 -8.50 0.39 -4.05
N LEU B 85 -7.60 0.19 -4.99
CA LEU B 85 -7.61 -0.92 -5.93
C LEU B 85 -6.36 -1.76 -5.72
N HIS B 86 -6.58 -3.04 -5.48
CA HIS B 86 -5.49 -3.98 -5.26
C HIS B 86 -4.77 -4.45 -6.48
N ARG B 87 -3.50 -4.81 -6.27
CA ARG B 87 -2.64 -5.31 -7.32
C ARG B 87 -2.01 -6.62 -6.84
N PRO B 90 4.75 -11.03 -6.39
CA PRO B 90 3.84 -11.09 -5.27
C PRO B 90 4.52 -11.75 -4.07
N ALA B 91 5.23 -10.96 -3.28
CA ALA B 91 5.90 -11.44 -2.07
C ALA B 91 4.87 -11.66 -0.95
N ALA B 92 5.28 -12.37 0.09
CA ALA B 92 4.40 -12.68 1.20
C ALA B 92 4.12 -11.44 2.04
N GLY B 93 5.17 -10.67 2.30
CA GLY B 93 5.06 -9.50 3.16
C GLY B 93 4.80 -8.18 2.46
N GLU B 94 4.61 -8.18 1.14
CA GLU B 94 4.43 -6.93 0.40
C GLU B 94 2.98 -6.68 -0.05
N ARG B 95 2.70 -5.44 -0.40
N ARG B 95 2.74 -5.47 -0.52
CA ARG B 95 1.40 -5.03 -0.90
CA ARG B 95 1.40 -5.03 -0.87
C ARG B 95 1.49 -3.77 -1.73
C ARG B 95 1.47 -3.75 -1.71
N CYS B 96 0.77 -3.73 -2.84
CA CYS B 96 0.68 -2.54 -3.67
C CYS B 96 -0.78 -2.24 -4.00
N THR B 97 -1.12 -0.96 -3.91
CA THR B 97 -2.42 -0.49 -4.28
C THR B 97 -2.32 0.77 -5.13
N PHE B 98 -3.42 1.02 -5.82
CA PHE B 98 -3.61 2.28 -6.53
C PHE B 98 -4.70 3.03 -5.79
N ASN B 99 -4.52 4.35 -5.65
CA ASN B 99 -5.36 5.15 -4.81
C ASN B 99 -5.69 6.49 -5.52
N GLN B 100 -6.97 6.77 -5.67
CA GLN B 100 -7.43 8.05 -6.27
C GLN B 100 -8.68 8.48 -5.54
N SER B 101 -8.97 9.77 -5.59
CA SER B 101 -10.16 10.31 -4.99
C SER B 101 -11.07 10.99 -6.03
N GLY B 102 -12.31 11.23 -5.64
CA GLY B 102 -13.27 11.91 -6.50
C GLY B 102 -14.52 12.29 -5.76
N PRO B 103 -15.34 13.15 -6.37
CA PRO B 103 -16.54 13.59 -5.66
C PRO B 103 -17.61 12.51 -5.48
N THR B 104 -17.54 11.44 -6.25
CA THR B 104 -18.49 10.36 -6.12
C THR B 104 -17.72 9.08 -6.14
N LEU B 105 -18.37 7.99 -5.74
CA LEU B 105 -17.68 6.73 -5.66
C LEU B 105 -17.25 6.31 -7.06
N LEU B 106 -18.13 6.46 -8.07
CA LEU B 106 -17.77 6.05 -9.41
C LEU B 106 -16.59 6.84 -9.98
N ILE B 107 -16.57 8.13 -9.73
CA ILE B 107 -15.46 8.91 -10.22
C ILE B 107 -14.16 8.47 -9.56
N ALA B 108 -14.17 8.26 -8.25
CA ALA B 108 -12.95 7.84 -7.54
C ALA B 108 -12.46 6.51 -8.07
N ALA B 109 -13.40 5.57 -8.24
CA ALA B 109 -13.07 4.23 -8.68
C ALA B 109 -12.43 4.25 -10.06
N ARG B 111 -11.08 6.76 -11.76
CA ARG B 111 -9.77 7.41 -11.83
C ARG B 111 -8.70 6.44 -11.35
N THR B 112 -9.01 5.65 -10.33
CA THR B 112 -8.05 4.67 -9.79
C THR B 112 -7.74 3.60 -10.85
N LEU B 113 -8.78 3.14 -11.52
CA LEU B 113 -8.62 2.18 -12.58
C LEU B 113 -7.70 2.74 -13.67
N VAL B 114 -8.01 3.94 -14.13
CA VAL B 114 -7.17 4.58 -15.15
C VAL B 114 -5.75 4.73 -14.66
N ALA B 115 -5.56 5.15 -13.42
CA ALA B 115 -4.19 5.33 -12.92
C ALA B 115 -3.47 3.99 -12.86
N SER B 116 -4.20 2.92 -12.55
CA SER B 116 -3.56 1.62 -12.46
C SER B 116 -3.02 1.14 -13.80
N THR B 117 -3.58 1.66 -14.87
CA THR B 117 -3.12 1.32 -16.18
C THR B 117 -2.16 2.35 -16.81
N PHE B 118 -2.49 3.63 -16.74
CA PHE B 118 -1.68 4.61 -17.46
C PHE B 118 -0.75 5.44 -16.61
N GLY B 119 -0.93 5.38 -15.30
CA GLY B 119 -0.12 6.18 -14.39
C GLY B 119 -0.79 7.47 -13.98
N ASP B 120 -0.01 8.53 -13.83
CA ASP B 120 -0.54 9.79 -13.34
C ASP B 120 -1.13 10.69 -14.41
N ASP B 121 -0.65 10.56 -15.65
CA ASP B 121 -1.09 11.40 -16.74
C ASP B 121 -1.59 10.67 -17.94
N VAL B 122 -2.34 11.38 -18.75
CA VAL B 122 -2.88 10.78 -19.92
C VAL B 122 -3.06 11.89 -20.95
N PRO B 123 -2.86 11.60 -22.24
CA PRO B 123 -2.97 12.70 -23.21
C PRO B 123 -4.33 13.38 -23.15
N ASP B 124 -4.37 14.67 -23.39
CA ASP B 124 -5.61 15.43 -23.36
C ASP B 124 -6.43 15.10 -24.63
N LEU B 125 -7.76 15.01 -24.50
CA LEU B 125 -8.61 14.76 -25.66
C LEU B 125 -9.00 16.06 -26.34
#